data_7A4K
#
_entry.id   7A4K
#
_cell.length_a   128.270
_cell.length_b   128.270
_cell.length_c   114.971
_cell.angle_alpha   90.000
_cell.angle_beta   90.000
_cell.angle_gamma   120.000
#
_symmetry.space_group_name_H-M   'P 65 2 2'
#
loop_
_entity.id
_entity.type
_entity.pdbx_description
1 polymer 'Queuine tRNA-ribosyltransferase'
2 non-polymer 'ZINC ION'
3 non-polymer GLYCEROL
4 non-polymer 'thiolane 1-oxide'
5 water water
#
_entity_poly.entity_id   1
_entity_poly.type   'polypeptide(L)'
_entity_poly.pdbx_seq_one_letter_code
;GSMVEATAQETDRPRFSFSIAAREGKARTGTIEMKRGVIRTPAFMPVGTAATVKALKPETVRATGADIILGNTYHLMLRP
GAERIAKLGGLHSFMGWDRPILTDSGGYQVMSLSSLTKQSEEGVTFKSHLDGSRHMLSPERSIEIQHLLGSDIVMAFDES
TPYPATPSRAASSMERSMRWAKRSRDAFDSRKEQAENAALFGIQQGSVFENLRQQSADALAEIGFDGYAVGGLAVGEGQD
EMFRVLDFSVPMLPDDKPHYLMGVGKPDDIVGAVERGIDMFDSVLPTRSGRNGQAFTWDGPINIRNARFSEDLKPLDSEC
HCAVCQKWSRACIHALIRAGEILGAMLMTEHNIAFYQQLMQKIRDSISEGRFSQFAQDFRARYFARNS
;
_entity_poly.pdbx_strand_id   A
#
loop_
_chem_comp.id
_chem_comp.type
_chem_comp.name
_chem_comp.formula
GOL non-polymer GLYCEROL 'C3 H8 O3'
QZT non-polymer 'thiolane 1-oxide' 'C4 H8 O S'
ZN non-polymer 'ZINC ION' 'Zn 2'
#
# COMPACT_ATOMS: atom_id res chain seq x y z
N ALA A 6 4.13 -19.12 29.25
CA ALA A 6 4.96 -18.36 28.33
C ALA A 6 4.26 -17.10 27.83
N THR A 7 5.01 -16.00 27.71
CA THR A 7 4.46 -14.76 27.21
C THR A 7 4.39 -14.77 25.68
N ALA A 8 3.61 -13.84 25.13
CA ALA A 8 3.57 -13.68 23.69
C ALA A 8 4.96 -13.40 23.12
N GLN A 9 5.78 -12.66 23.88
CA GLN A 9 7.13 -12.31 23.41
C GLN A 9 8.01 -13.54 23.26
N GLU A 10 7.78 -14.57 24.07
CA GLU A 10 8.58 -15.79 24.05
C GLU A 10 8.03 -16.85 23.11
N THR A 11 6.90 -16.61 22.46
CA THR A 11 6.22 -17.65 21.70
C THR A 11 6.63 -17.63 20.24
N ASP A 12 6.68 -18.83 19.66
CA ASP A 12 6.92 -19.01 18.23
C ASP A 12 5.95 -18.17 17.41
N ARG A 13 6.48 -17.53 16.38
CA ARG A 13 5.67 -16.72 15.47
C ARG A 13 5.43 -17.48 14.17
N PRO A 14 4.22 -17.49 13.61
CA PRO A 14 4.00 -18.23 12.37
C PRO A 14 4.48 -17.47 11.14
N ARG A 15 4.66 -18.23 10.05
CA ARG A 15 5.03 -17.62 8.77
C ARG A 15 3.98 -16.62 8.30
N PHE A 16 2.71 -17.05 8.28
CA PHE A 16 1.62 -16.21 7.75
C PHE A 16 0.30 -16.78 8.23
N SER A 17 -0.36 -16.08 9.14
CA SER A 17 -1.64 -16.52 9.68
C SER A 17 -2.61 -15.35 9.68
N PHE A 18 -3.63 -15.42 8.81
CA PHE A 18 -4.68 -14.40 8.73
C PHE A 18 -5.89 -14.88 9.52
N SER A 19 -6.27 -14.14 10.54
N SER A 19 -6.32 -14.08 10.49
CA SER A 19 -7.47 -14.43 11.32
CA SER A 19 -7.44 -14.43 11.34
C SER A 19 -8.43 -13.26 11.17
C SER A 19 -8.45 -13.29 11.33
N ILE A 20 -9.70 -13.58 10.98
CA ILE A 20 -10.73 -12.57 10.90
C ILE A 20 -11.46 -12.56 12.23
N ALA A 21 -11.43 -11.42 12.91
CA ALA A 21 -12.02 -11.28 14.23
C ALA A 21 -13.46 -10.82 14.19
N ALA A 22 -13.86 -10.06 13.17
CA ALA A 22 -15.20 -9.49 13.09
C ALA A 22 -15.50 -9.07 11.65
N ARG A 23 -16.79 -9.14 11.30
N ARG A 23 -16.80 -9.14 11.30
CA ARG A 23 -17.26 -8.77 9.98
CA ARG A 23 -17.27 -8.78 9.98
C ARG A 23 -18.48 -7.87 10.08
C ARG A 23 -18.51 -7.91 10.07
N GLU A 24 -18.66 -7.01 9.09
CA GLU A 24 -19.89 -6.23 8.92
C GLU A 24 -20.13 -6.14 7.43
N GLY A 25 -21.11 -6.88 6.92
CA GLY A 25 -21.27 -6.93 5.48
C GLY A 25 -20.05 -7.56 4.84
N LYS A 26 -19.48 -6.88 3.83
CA LYS A 26 -18.26 -7.35 3.15
C LYS A 26 -16.99 -6.95 3.88
N ALA A 27 -17.10 -6.08 4.87
CA ALA A 27 -15.94 -5.58 5.59
C ALA A 27 -15.50 -6.56 6.66
N ARG A 28 -14.20 -6.63 6.87
CA ARG A 28 -13.58 -7.53 7.83
C ARG A 28 -12.53 -6.76 8.62
N THR A 29 -12.33 -7.17 9.88
CA THR A 29 -11.18 -6.70 10.65
C THR A 29 -10.54 -7.91 11.35
N GLY A 30 -9.23 -7.87 11.47
CA GLY A 30 -8.51 -8.99 12.02
C GLY A 30 -7.02 -8.74 12.08
N THR A 31 -6.24 -9.80 11.89
CA THR A 31 -4.79 -9.71 12.04
C THR A 31 -4.11 -10.65 11.05
N ILE A 32 -2.94 -10.23 10.58
CA ILE A 32 -2.00 -11.11 9.89
C ILE A 32 -0.79 -11.27 10.80
N GLU A 33 -0.58 -12.48 11.30
CA GLU A 33 0.62 -12.78 12.08
C GLU A 33 1.74 -13.27 11.17
N MET A 34 2.91 -12.65 11.29
CA MET A 34 4.10 -13.05 10.54
C MET A 34 5.26 -13.11 11.50
N LYS A 35 6.40 -13.59 10.99
CA LYS A 35 7.54 -13.79 11.87
C LYS A 35 8.10 -12.47 12.38
N ARG A 36 7.94 -11.38 11.63
N ARG A 36 7.96 -11.38 11.63
CA ARG A 36 8.49 -10.11 12.07
CA ARG A 36 8.49 -10.11 12.07
C ARG A 36 7.45 -9.23 12.76
C ARG A 36 7.45 -9.23 12.76
N GLY A 37 6.23 -9.72 12.92
CA GLY A 37 5.24 -9.00 13.69
C GLY A 37 3.81 -9.22 13.21
N VAL A 38 2.91 -8.54 13.91
CA VAL A 38 1.48 -8.62 13.64
C VAL A 38 1.02 -7.38 12.89
N ILE A 39 0.21 -7.61 11.87
CA ILE A 39 -0.37 -6.57 11.02
C ILE A 39 -1.86 -6.53 11.31
N ARG A 40 -2.34 -5.40 11.79
CA ARG A 40 -3.76 -5.22 12.06
C ARG A 40 -4.48 -4.87 10.76
N THR A 41 -5.63 -5.50 10.49
CA THR A 41 -6.33 -5.22 9.24
C THR A 41 -7.76 -4.74 9.50
N PRO A 42 -8.30 -3.87 8.64
CA PRO A 42 -7.66 -3.32 7.42
C PRO A 42 -6.44 -2.47 7.76
N ALA A 43 -5.44 -2.59 6.88
CA ALA A 43 -4.12 -2.05 7.09
C ALA A 43 -3.79 -1.03 6.02
N PHE A 44 -3.09 0.03 6.43
CA PHE A 44 -2.48 0.98 5.50
C PHE A 44 -0.95 0.86 5.60
N MET A 45 -0.30 0.66 4.45
CA MET A 45 1.15 0.53 4.37
C MET A 45 1.75 1.80 3.79
N PRO A 46 2.49 2.59 4.57
CA PRO A 46 3.25 3.70 3.98
C PRO A 46 4.33 3.17 3.05
N VAL A 47 4.68 3.97 2.04
CA VAL A 47 5.71 3.56 1.08
C VAL A 47 7.07 4.02 1.60
N GLY A 48 7.98 3.06 1.77
CA GLY A 48 9.29 3.35 2.31
C GLY A 48 10.23 3.92 1.25
N THR A 49 11.21 4.68 1.70
CA THR A 49 12.19 5.26 0.78
C THR A 49 13.59 5.18 1.37
N ALA A 50 14.56 5.74 0.63
CA ALA A 50 15.90 5.95 1.14
C ALA A 50 15.90 6.95 2.28
N ALA A 51 16.91 6.82 3.16
CA ALA A 51 17.02 7.66 4.37
C ALA A 51 17.74 8.97 4.06
N THR A 52 17.01 9.85 3.37
CA THR A 52 17.51 11.18 3.06
C THR A 52 17.16 12.17 4.18
N VAL A 53 17.68 13.39 4.06
CA VAL A 53 17.37 14.42 5.04
C VAL A 53 15.89 14.70 5.10
N LYS A 54 15.15 14.38 4.03
CA LYS A 54 13.73 14.63 3.92
C LYS A 54 12.87 13.44 4.31
N ALA A 55 13.47 12.27 4.61
CA ALA A 55 12.70 11.09 4.99
C ALA A 55 12.48 11.02 6.50
N LEU A 56 11.29 10.58 6.90
CA LEU A 56 11.08 10.33 8.33
C LEU A 56 11.96 9.18 8.82
N LYS A 57 12.32 9.26 10.10
CA LYS A 57 13.06 8.17 10.73
C LYS A 57 12.13 6.94 10.87
N PRO A 58 12.68 5.73 10.82
CA PRO A 58 11.81 4.55 10.92
C PRO A 58 11.07 4.51 12.26
N GLU A 59 11.70 4.99 13.36
CA GLU A 59 10.99 4.98 14.63
C GLU A 59 9.81 5.95 14.62
N THR A 60 9.89 7.00 13.82
CA THR A 60 8.77 7.92 13.68
C THR A 60 7.64 7.28 12.88
N VAL A 61 7.99 6.62 11.78
CA VAL A 61 6.99 5.89 11.00
C VAL A 61 6.28 4.85 11.87
N ARG A 62 7.04 4.09 12.66
CA ARG A 62 6.41 3.11 13.54
C ARG A 62 5.46 3.78 14.53
N ALA A 63 5.89 4.91 15.12
CA ALA A 63 5.08 5.56 16.14
C ALA A 63 3.79 6.15 15.58
N THR A 64 3.69 6.34 14.25
CA THR A 64 2.42 6.77 13.69
C THR A 64 1.37 5.66 13.70
N GLY A 65 1.78 4.41 13.90
CA GLY A 65 0.86 3.27 13.91
C GLY A 65 1.09 2.25 12.83
N ALA A 66 2.03 2.48 11.93
CA ALA A 66 2.25 1.55 10.83
C ALA A 66 2.80 0.24 11.34
N ASP A 67 2.20 -0.86 10.88
CA ASP A 67 2.62 -2.21 11.21
C ASP A 67 3.49 -2.85 10.14
N ILE A 68 3.50 -2.28 8.93
CA ILE A 68 4.18 -2.83 7.78
C ILE A 68 4.36 -1.67 6.82
N ILE A 69 5.46 -1.70 6.06
CA ILE A 69 5.71 -0.69 5.03
C ILE A 69 5.95 -1.39 3.70
N LEU A 70 5.86 -0.61 2.63
CA LEU A 70 6.05 -1.11 1.26
C LEU A 70 7.39 -0.65 0.71
N GLY A 71 8.08 -1.58 0.04
CA GLY A 71 9.30 -1.28 -0.70
C GLY A 71 9.07 -1.42 -2.20
N ASN A 72 9.57 -0.46 -2.97
CA ASN A 72 9.45 -0.47 -4.42
C ASN A 72 10.65 -1.19 -5.03
N THR A 73 10.42 -2.42 -5.46
CA THR A 73 11.45 -3.24 -6.06
C THR A 73 12.14 -2.56 -7.23
N TYR A 74 11.38 -1.88 -8.11
CA TYR A 74 12.00 -1.24 -9.28
C TYR A 74 13.04 -0.21 -8.86
N HIS A 75 12.70 0.65 -7.89
CA HIS A 75 13.64 1.69 -7.47
C HIS A 75 14.84 1.08 -6.75
N LEU A 76 14.60 0.09 -5.91
CA LEU A 76 15.71 -0.54 -5.18
C LEU A 76 16.63 -1.32 -6.12
N MET A 77 16.12 -1.89 -7.21
N MET A 77 16.07 -1.94 -7.17
CA MET A 77 17.00 -2.58 -8.13
CA MET A 77 16.87 -2.55 -8.23
C MET A 77 17.81 -1.63 -9.01
C MET A 77 17.87 -1.57 -8.81
N LEU A 78 17.37 -0.37 -9.16
CA LEU A 78 18.21 0.59 -9.87
C LEU A 78 19.25 1.22 -8.96
N ARG A 79 18.90 1.49 -7.70
CA ARG A 79 19.86 2.06 -6.77
C ARG A 79 19.51 1.67 -5.34
N PRO A 80 20.44 1.03 -4.59
CA PRO A 80 21.81 0.65 -4.94
C PRO A 80 21.88 -0.72 -5.59
N GLY A 81 20.74 -1.33 -5.83
CA GLY A 81 20.70 -2.65 -6.42
C GLY A 81 20.43 -3.72 -5.39
N ALA A 82 19.82 -4.83 -5.84
CA ALA A 82 19.37 -5.87 -4.93
C ALA A 82 20.56 -6.60 -4.30
N GLU A 83 21.58 -6.91 -5.08
CA GLU A 83 22.74 -7.59 -4.52
C GLU A 83 23.40 -6.74 -3.44
N ARG A 84 23.45 -5.43 -3.66
CA ARG A 84 24.04 -4.53 -2.68
C ARG A 84 23.20 -4.51 -1.40
N ILE A 85 21.88 -4.41 -1.54
CA ILE A 85 21.03 -4.44 -0.37
C ILE A 85 21.22 -5.73 0.41
N ALA A 86 21.35 -6.86 -0.28
CA ALA A 86 21.58 -8.12 0.42
C ALA A 86 22.91 -8.13 1.17
N LYS A 87 23.96 -7.58 0.57
CA LYS A 87 25.28 -7.58 1.21
C LYS A 87 25.25 -6.72 2.47
N LEU A 88 24.44 -5.66 2.45
CA LEU A 88 24.23 -4.78 3.59
C LEU A 88 23.31 -5.40 4.64
N GLY A 89 22.83 -6.62 4.40
CA GLY A 89 22.05 -7.34 5.38
C GLY A 89 20.60 -7.53 5.03
N GLY A 90 20.15 -7.03 3.89
CA GLY A 90 18.75 -7.07 3.52
C GLY A 90 18.06 -5.73 3.73
N LEU A 91 16.81 -5.68 3.26
CA LEU A 91 16.08 -4.42 3.21
C LEU A 91 15.73 -3.93 4.61
N HIS A 92 15.43 -4.84 5.52
CA HIS A 92 15.15 -4.42 6.91
C HIS A 92 16.35 -3.70 7.51
N SER A 93 17.55 -4.26 7.32
N SER A 93 17.55 -4.26 7.32
CA SER A 93 18.74 -3.59 7.81
CA SER A 93 18.75 -3.60 7.81
C SER A 93 18.98 -2.29 7.07
C SER A 93 18.99 -2.29 7.06
N PHE A 94 18.79 -2.32 5.74
CA PHE A 94 19.00 -1.13 4.92
C PHE A 94 18.13 0.02 5.37
N MET A 95 16.85 -0.25 5.62
CA MET A 95 15.89 0.78 5.99
C MET A 95 15.78 1.04 7.49
N GLY A 96 16.44 0.24 8.32
CA GLY A 96 16.23 0.40 9.75
C GLY A 96 14.83 0.10 10.22
N TRP A 97 14.15 -0.84 9.55
CA TRP A 97 12.77 -1.21 9.86
C TRP A 97 12.74 -2.73 10.10
N ASP A 98 12.51 -3.15 11.34
CA ASP A 98 12.61 -4.57 11.67
C ASP A 98 11.27 -5.30 11.68
N ARG A 99 10.17 -4.61 11.35
CA ARG A 99 8.84 -5.22 11.21
C ARG A 99 8.59 -5.66 9.77
N PRO A 100 7.41 -6.21 9.45
CA PRO A 100 7.20 -6.71 8.08
C PRO A 100 7.31 -5.64 7.01
N ILE A 101 7.81 -6.09 5.84
CA ILE A 101 7.90 -5.29 4.63
C ILE A 101 7.24 -6.06 3.50
N LEU A 102 6.39 -5.38 2.73
CA LEU A 102 5.85 -5.90 1.49
C LEU A 102 6.61 -5.25 0.33
N THR A 103 7.05 -6.05 -0.64
CA THR A 103 7.63 -5.50 -1.84
C THR A 103 6.70 -5.76 -3.01
N ASP A 104 6.55 -4.75 -3.87
CA ASP A 104 5.89 -4.97 -5.14
C ASP A 104 6.85 -5.70 -6.07
N SER A 105 6.38 -6.02 -7.27
CA SER A 105 7.13 -6.89 -8.17
C SER A 105 8.11 -6.12 -9.04
N GLY A 106 7.96 -4.80 -9.13
CA GLY A 106 8.65 -3.98 -10.09
C GLY A 106 7.92 -3.80 -11.42
N GLY A 107 6.93 -4.64 -11.70
CA GLY A 107 6.34 -4.64 -13.04
C GLY A 107 5.59 -3.36 -13.37
N TYR A 108 4.99 -2.72 -12.37
CA TYR A 108 4.23 -1.51 -12.68
C TYR A 108 5.15 -0.37 -13.13
N GLN A 109 6.29 -0.19 -12.45
CA GLN A 109 7.19 0.91 -12.77
C GLN A 109 7.90 0.68 -14.09
N VAL A 110 8.15 -0.58 -14.45
CA VAL A 110 8.60 -0.87 -15.80
C VAL A 110 7.67 -0.20 -16.81
N MET A 111 6.37 -0.47 -16.70
CA MET A 111 5.41 0.17 -17.59
C MET A 111 5.48 1.69 -17.46
N SER A 112 5.38 2.20 -16.23
CA SER A 112 5.13 3.62 -16.04
C SER A 112 6.37 4.50 -16.09
N LEU A 113 7.56 3.96 -15.80
CA LEU A 113 8.78 4.76 -15.74
C LEU A 113 9.87 4.37 -16.74
N SER A 114 10.00 3.09 -17.08
CA SER A 114 11.11 2.66 -17.94
C SER A 114 10.75 2.73 -19.42
N LEU A 116 11.76 0.71 -21.78
CA LEU A 116 11.35 -0.65 -22.14
C LEU A 116 11.97 -1.08 -23.47
N THR A 117 12.88 -2.05 -23.41
CA THR A 117 13.58 -2.53 -24.60
C THR A 117 12.86 -3.69 -25.27
N LYS A 118 12.54 -4.74 -24.49
CA LYS A 118 11.89 -5.93 -25.04
C LYS A 118 10.76 -6.41 -24.12
N GLN A 119 9.70 -6.94 -24.74
CA GLN A 119 8.56 -7.50 -24.02
C GLN A 119 8.09 -8.77 -24.71
N SER A 120 7.98 -9.87 -23.95
CA SER A 120 7.44 -11.11 -24.50
C SER A 120 6.91 -11.94 -23.34
N GLU A 121 6.45 -13.16 -23.67
CA GLU A 121 6.00 -14.07 -22.63
C GLU A 121 7.13 -14.44 -21.68
N GLU A 122 8.39 -14.32 -22.14
CA GLU A 122 9.53 -14.62 -21.29
C GLU A 122 9.60 -13.68 -20.10
N GLY A 123 9.31 -12.43 -20.32
CA GLY A 123 9.58 -11.38 -19.38
C GLY A 123 9.82 -10.10 -20.15
N VAL A 124 10.50 -9.15 -19.50
CA VAL A 124 10.77 -7.87 -20.13
C VAL A 124 12.19 -7.41 -19.83
N THR A 125 12.75 -6.69 -20.80
CA THR A 125 14.02 -6.00 -20.68
C THR A 125 13.73 -4.52 -20.79
N PHE A 126 14.46 -3.70 -20.05
CA PHE A 126 14.14 -2.29 -20.06
C PHE A 126 15.36 -1.46 -19.69
N LYS A 127 15.29 -0.17 -20.04
CA LYS A 127 16.33 0.80 -19.74
C LYS A 127 15.95 1.55 -18.48
N SER A 128 16.89 1.61 -17.53
CA SER A 128 16.76 2.50 -16.39
C SER A 128 16.35 3.88 -16.87
N HIS A 129 15.37 4.49 -16.21
CA HIS A 129 15.08 5.87 -16.54
C HIS A 129 16.17 6.80 -16.03
N LEU A 130 17.13 6.27 -15.26
CA LEU A 130 18.20 7.04 -14.65
C LEU A 130 19.43 7.12 -15.53
N ASP A 131 19.99 5.95 -15.88
CA ASP A 131 21.30 5.88 -16.52
C ASP A 131 21.30 4.98 -17.74
N GLY A 132 20.13 4.62 -18.28
CA GLY A 132 20.05 3.87 -19.52
C GLY A 132 20.44 2.41 -19.42
N SER A 133 21.06 1.98 -18.34
CA SER A 133 21.44 0.59 -18.16
C SER A 133 20.25 -0.34 -18.42
N ARG A 134 20.54 -1.59 -18.78
CA ARG A 134 19.49 -2.54 -19.11
C ARG A 134 19.29 -3.50 -17.94
N HIS A 135 18.03 -3.78 -17.67
CA HIS A 135 17.64 -4.69 -16.62
C HIS A 135 16.58 -5.61 -17.20
N MET A 136 16.37 -6.73 -16.54
CA MET A 136 15.41 -7.72 -16.98
C MET A 136 14.51 -8.09 -15.83
N LEU A 137 13.23 -8.25 -16.11
CA LEU A 137 12.33 -8.76 -15.11
C LEU A 137 11.47 -9.86 -15.72
N SER A 138 11.11 -10.77 -14.86
CA SER A 138 10.31 -11.93 -15.19
C SER A 138 9.72 -12.44 -13.89
N PRO A 139 8.73 -13.31 -13.95
CA PRO A 139 8.29 -13.94 -12.70
C PRO A 139 9.49 -14.40 -11.87
N GLU A 140 10.46 -15.06 -12.51
CA GLU A 140 11.56 -15.68 -11.79
C GLU A 140 12.55 -14.63 -11.24
N ARG A 141 12.91 -13.67 -12.08
N ARG A 141 12.95 -13.67 -12.07
CA ARG A 141 13.86 -12.64 -11.64
CA ARG A 141 13.90 -12.66 -11.57
C ARG A 141 13.26 -11.73 -10.59
C ARG A 141 13.25 -11.75 -10.55
N SER A 142 11.97 -11.41 -10.71
CA SER A 142 11.30 -10.56 -9.74
C SER A 142 11.26 -11.24 -8.38
N ILE A 143 10.91 -12.53 -8.35
CA ILE A 143 10.87 -13.24 -7.07
C ILE A 143 12.27 -13.36 -6.50
N GLU A 144 13.28 -13.59 -7.35
CA GLU A 144 14.66 -13.67 -6.86
C GLU A 144 15.10 -12.35 -6.24
N ILE A 145 14.79 -11.23 -6.90
CA ILE A 145 15.15 -9.93 -6.35
C ILE A 145 14.44 -9.69 -5.02
N GLN A 146 13.14 -9.98 -4.94
CA GLN A 146 12.45 -9.81 -3.66
C GLN A 146 13.02 -10.73 -2.59
N HIS A 147 13.57 -11.88 -2.99
CA HIS A 147 14.28 -12.72 -2.02
C HIS A 147 15.56 -12.04 -1.54
N LEU A 148 16.33 -11.46 -2.47
CA LEU A 148 17.54 -10.74 -2.11
C LEU A 148 17.22 -9.58 -1.17
N LEU A 149 16.07 -8.93 -1.37
CA LEU A 149 15.65 -7.86 -0.47
C LEU A 149 15.24 -8.39 0.89
N GLY A 150 14.81 -9.65 0.95
CA GLY A 150 14.42 -10.22 2.23
C GLY A 150 13.03 -9.85 2.66
N SER A 151 12.16 -9.47 1.74
CA SER A 151 10.87 -8.98 2.16
C SER A 151 9.99 -10.13 2.64
N ASP A 152 9.00 -9.73 3.45
CA ASP A 152 8.10 -10.66 4.13
C ASP A 152 6.89 -11.02 3.29
N ILE A 153 6.35 -10.07 2.53
CA ILE A 153 5.26 -10.35 1.59
C ILE A 153 5.77 -10.00 0.20
N VAL A 154 5.71 -10.99 -0.69
CA VAL A 154 6.23 -10.94 -2.05
C VAL A 154 5.05 -10.86 -3.00
N MET A 155 5.11 -9.93 -3.95
CA MET A 155 4.07 -9.83 -4.98
C MET A 155 4.47 -10.60 -6.24
N ALA A 156 3.54 -11.39 -6.75
CA ALA A 156 3.73 -12.02 -8.05
C ALA A 156 3.96 -10.95 -9.12
N PHE A 157 4.75 -11.30 -10.12
CA PHE A 157 5.01 -10.45 -11.27
C PHE A 157 3.91 -10.65 -12.30
N ASP A 158 3.27 -9.56 -12.70
CA ASP A 158 2.15 -9.60 -13.65
C ASP A 158 2.40 -8.62 -14.77
N GLU A 159 1.45 -8.53 -15.71
CA GLU A 159 1.51 -7.59 -16.81
C GLU A 159 0.43 -6.54 -16.64
N SER A 160 0.83 -5.28 -16.56
CA SER A 160 -0.10 -4.17 -16.54
C SER A 160 -0.48 -3.75 -17.95
N THR A 161 -1.76 -3.49 -18.16
CA THR A 161 -2.26 -2.87 -19.38
C THR A 161 -2.64 -1.42 -19.07
N PRO A 162 -2.07 -0.42 -19.75
CA PRO A 162 -2.38 0.97 -19.42
C PRO A 162 -3.86 1.32 -19.58
N TYR A 163 -4.30 2.32 -18.79
CA TYR A 163 -5.70 2.73 -18.82
C TYR A 163 -5.93 3.73 -19.96
N PRO A 164 -7.08 3.65 -20.66
CA PRO A 164 -8.05 2.56 -20.65
C PRO A 164 -7.66 1.52 -21.69
N ALA A 165 -7.97 0.25 -21.43
CA ALA A 165 -7.47 -0.85 -22.25
C ALA A 165 -8.60 -1.45 -23.06
N THR A 166 -8.29 -1.75 -24.33
CA THR A 166 -9.23 -2.46 -25.18
C THR A 166 -9.68 -3.75 -24.49
N PRO A 167 -10.94 -4.16 -24.63
CA PRO A 167 -11.32 -5.51 -24.22
C PRO A 167 -10.37 -6.57 -24.72
N SER A 168 -9.80 -6.37 -25.91
CA SER A 168 -8.79 -7.30 -26.43
C SER A 168 -7.52 -7.25 -25.57
N ARG A 169 -7.02 -6.04 -25.32
CA ARG A 169 -5.80 -5.92 -24.51
C ARG A 169 -6.04 -6.42 -23.09
N ALA A 170 -7.21 -6.14 -22.53
CA ALA A 170 -7.49 -6.58 -21.17
C ALA A 170 -7.34 -8.10 -21.04
N ALA A 171 -7.93 -8.84 -21.99
CA ALA A 171 -7.99 -10.30 -21.85
C ALA A 171 -6.64 -10.95 -22.06
N SER A 172 -5.89 -10.52 -23.08
CA SER A 172 -4.59 -11.14 -23.30
C SER A 172 -3.63 -10.83 -22.15
N SER A 173 -3.72 -9.63 -21.57
CA SER A 173 -2.86 -9.28 -20.45
C SER A 173 -3.20 -10.09 -19.21
N MET A 174 -4.49 -10.30 -18.95
CA MET A 174 -4.88 -11.09 -17.78
C MET A 174 -4.40 -12.52 -17.92
N GLU A 175 -4.57 -13.12 -19.10
CA GLU A 175 -4.15 -14.50 -19.30
C GLU A 175 -2.64 -14.64 -19.15
N ARG A 176 -1.87 -13.69 -19.71
CA ARG A 176 -0.43 -13.73 -19.49
C ARG A 176 -0.12 -13.58 -18.01
N SER A 177 -0.81 -12.66 -17.32
CA SER A 177 -0.57 -12.48 -15.90
C SER A 177 -0.85 -13.78 -15.13
N MET A 178 -1.82 -14.57 -15.59
CA MET A 178 -2.12 -15.79 -14.85
C MET A 178 -1.05 -16.85 -15.10
N ARG A 179 -0.52 -16.93 -16.33
CA ARG A 179 0.63 -17.79 -16.58
C ARG A 179 1.83 -17.31 -15.78
N TRP A 180 2.01 -16.00 -15.71
CA TRP A 180 3.10 -15.45 -14.90
C TRP A 180 2.84 -15.65 -13.41
N ALA A 181 1.58 -15.73 -12.99
CA ALA A 181 1.30 -16.00 -11.58
C ALA A 181 1.75 -17.42 -11.19
N LYS A 182 1.48 -18.42 -12.03
CA LYS A 182 2.00 -19.75 -11.75
C LYS A 182 3.52 -19.75 -11.69
N ARG A 183 4.18 -19.03 -12.61
CA ARG A 183 5.64 -18.99 -12.62
C ARG A 183 6.19 -18.34 -11.35
N SER A 184 5.52 -17.29 -10.88
CA SER A 184 5.90 -16.65 -9.62
C SER A 184 5.77 -17.61 -8.46
N ARG A 185 4.65 -18.34 -8.40
CA ARG A 185 4.45 -19.36 -7.37
C ARG A 185 5.60 -20.35 -7.32
N ASP A 186 5.98 -20.88 -8.49
CA ASP A 186 6.99 -21.94 -8.53
C ASP A 186 8.36 -21.40 -8.19
N ALA A 187 8.68 -20.18 -8.63
CA ALA A 187 9.97 -19.58 -8.26
C ALA A 187 10.05 -19.36 -6.76
N PHE A 188 8.98 -18.81 -6.17
CA PHE A 188 8.91 -18.62 -4.72
C PHE A 188 9.11 -19.93 -3.97
N ASP A 189 8.39 -20.96 -4.40
CA ASP A 189 8.47 -22.27 -3.75
C ASP A 189 9.83 -22.94 -3.93
N SER A 190 10.63 -22.49 -4.90
CA SER A 190 11.90 -23.16 -5.20
C SER A 190 12.98 -22.87 -4.15
N ARG A 191 12.81 -21.80 -3.38
CA ARG A 191 13.78 -21.34 -2.40
C ARG A 191 13.24 -21.60 -0.99
N LYS A 192 13.81 -22.62 -0.34
CA LYS A 192 13.34 -22.99 1.00
C LYS A 192 13.36 -21.79 1.93
N GLU A 193 14.43 -21.00 1.89
CA GLU A 193 14.56 -19.87 2.81
C GLU A 193 13.41 -18.89 2.63
N GLN A 194 12.98 -18.67 1.39
CA GLN A 194 11.90 -17.75 1.11
C GLN A 194 10.55 -18.38 1.43
N ALA A 195 10.35 -19.62 0.97
CA ALA A 195 9.04 -20.25 1.11
C ALA A 195 8.68 -20.52 2.57
N GLU A 196 9.68 -20.78 3.43
CA GLU A 196 9.38 -21.03 4.84
C GLU A 196 9.17 -19.77 5.67
N ASN A 197 9.61 -18.61 5.19
CA ASN A 197 9.67 -17.42 6.03
C ASN A 197 8.89 -16.24 5.52
N ALA A 198 8.51 -16.24 4.24
CA ALA A 198 7.78 -15.15 3.61
C ALA A 198 6.44 -15.67 3.10
N ALA A 199 5.68 -14.76 2.50
CA ALA A 199 4.38 -15.04 1.91
C ALA A 199 4.36 -14.47 0.50
N LEU A 200 3.43 -15.01 -0.31
CA LEU A 200 3.30 -14.68 -1.72
C LEU A 200 1.86 -14.31 -2.04
N PHE A 201 1.66 -13.14 -2.64
CA PHE A 201 0.34 -12.70 -3.07
C PHE A 201 0.22 -12.77 -4.59
N GLY A 202 -0.96 -13.22 -5.07
CA GLY A 202 -1.30 -13.17 -6.47
C GLY A 202 -2.16 -11.95 -6.77
N ILE A 203 -2.27 -11.59 -8.06
CA ILE A 203 -2.89 -10.34 -8.46
C ILE A 203 -3.96 -10.62 -9.52
N GLN A 204 -5.20 -10.26 -9.20
CA GLN A 204 -6.32 -10.45 -10.12
C GLN A 204 -6.32 -9.33 -11.14
N GLN A 205 -6.53 -9.69 -12.40
CA GLN A 205 -6.63 -8.71 -13.48
C GLN A 205 -7.95 -8.95 -14.21
N GLY A 206 -8.15 -8.28 -15.35
CA GLY A 206 -9.39 -8.40 -16.10
C GLY A 206 -10.06 -7.08 -16.35
N SER A 207 -9.46 -5.97 -15.96
CA SER A 207 -9.97 -4.62 -16.23
C SER A 207 -11.38 -4.51 -15.68
N VAL A 208 -12.36 -4.04 -16.47
CA VAL A 208 -13.71 -3.81 -15.99
C VAL A 208 -14.64 -4.97 -16.30
N PHE A 209 -14.13 -6.03 -16.89
CA PHE A 209 -14.97 -7.08 -17.47
C PHE A 209 -15.15 -8.19 -16.44
N GLU A 210 -16.39 -8.34 -15.99
CA GLU A 210 -16.69 -9.28 -14.90
C GLU A 210 -16.23 -10.69 -15.25
N ASN A 211 -16.42 -11.12 -16.50
CA ASN A 211 -16.04 -12.48 -16.87
C ASN A 211 -14.51 -12.66 -16.83
N LEU A 212 -13.75 -11.68 -17.31
CA LEU A 212 -12.30 -11.74 -17.17
C LEU A 212 -11.87 -11.78 -15.72
N ARG A 213 -12.51 -10.98 -14.86
CA ARG A 213 -12.15 -10.96 -13.45
C ARG A 213 -12.41 -12.32 -12.80
N GLN A 214 -13.54 -12.94 -13.14
CA GLN A 214 -13.84 -14.28 -12.63
C GLN A 214 -12.84 -15.29 -13.13
N GLN A 215 -12.49 -15.20 -14.41
N GLN A 215 -12.48 -15.21 -14.42
CA GLN A 215 -11.45 -16.03 -15.03
CA GLN A 215 -11.45 -16.09 -14.97
C GLN A 215 -10.14 -15.94 -14.25
C GLN A 215 -10.14 -15.94 -14.20
N SER A 216 -9.75 -14.71 -13.91
CA SER A 216 -8.51 -14.48 -13.18
C SER A 216 -8.60 -15.04 -11.77
N ALA A 217 -9.71 -14.76 -11.07
CA ALA A 217 -9.89 -15.25 -9.72
C ALA A 217 -9.78 -16.76 -9.65
N ASP A 218 -10.48 -17.46 -10.56
CA ASP A 218 -10.42 -18.92 -10.56
C ASP A 218 -9.01 -19.41 -10.80
N ALA A 219 -8.29 -18.76 -11.72
CA ALA A 219 -6.93 -19.17 -12.01
C ALA A 219 -6.03 -19.00 -10.79
N LEU A 220 -6.12 -17.84 -10.13
CA LEU A 220 -5.30 -17.59 -8.94
C LEU A 220 -5.66 -18.56 -7.82
N ALA A 221 -6.96 -18.82 -7.62
CA ALA A 221 -7.35 -19.74 -6.55
C ALA A 221 -6.86 -21.15 -6.81
N GLU A 222 -6.74 -21.55 -8.09
CA GLU A 222 -6.25 -22.88 -8.42
C GLU A 222 -4.77 -23.02 -8.11
N ILE A 223 -4.00 -21.96 -8.39
CA ILE A 223 -2.59 -21.93 -8.02
C ILE A 223 -2.43 -21.92 -6.51
N GLY A 224 -3.17 -21.04 -5.84
CA GLY A 224 -3.09 -20.91 -4.40
C GLY A 224 -2.07 -19.87 -3.95
N PHE A 225 -2.53 -18.87 -3.20
CA PHE A 225 -1.68 -17.80 -2.69
C PHE A 225 -2.06 -17.50 -1.25
N ASP A 226 -1.14 -16.82 -0.54
CA ASP A 226 -1.42 -16.37 0.82
C ASP A 226 -2.33 -15.17 0.85
N GLY A 227 -2.42 -14.42 -0.25
CA GLY A 227 -3.31 -13.26 -0.30
C GLY A 227 -3.50 -12.90 -1.75
N TYR A 228 -4.50 -12.05 -1.99
CA TYR A 228 -4.92 -11.73 -3.35
C TYR A 228 -5.13 -10.24 -3.49
N ALA A 229 -4.44 -9.65 -4.45
CA ALA A 229 -4.61 -8.24 -4.75
C ALA A 229 -5.57 -8.09 -5.91
N VAL A 230 -6.24 -6.94 -5.94
CA VAL A 230 -7.06 -6.55 -7.07
C VAL A 230 -6.23 -5.55 -7.86
N GLY A 231 -5.71 -5.98 -9.00
CA GLY A 231 -4.94 -5.10 -9.86
C GLY A 231 -5.80 -4.39 -10.88
N GLY A 232 -5.17 -3.46 -11.59
CA GLY A 232 -5.80 -2.82 -12.72
C GLY A 232 -6.67 -1.64 -12.36
N LEU A 233 -6.64 -1.21 -11.11
CA LEU A 233 -7.45 -0.08 -10.65
C LEU A 233 -6.53 1.04 -10.15
N ALA A 234 -7.14 2.18 -9.86
CA ALA A 234 -6.41 3.37 -9.43
C ALA A 234 -5.44 3.83 -10.51
N VAL A 235 -5.81 3.67 -11.77
CA VAL A 235 -4.95 4.02 -12.89
C VAL A 235 -5.63 5.02 -13.83
N GLY A 236 -6.68 5.67 -13.34
CA GLY A 236 -7.31 6.74 -14.09
C GLY A 236 -8.79 6.55 -14.27
N GLU A 237 -9.36 5.49 -13.71
N GLU A 237 -9.30 5.39 -13.90
CA GLU A 237 -10.74 5.15 -14.03
CA GLU A 237 -10.74 5.26 -13.76
C GLU A 237 -11.80 5.94 -13.24
C GLU A 237 -11.17 6.05 -12.53
N GLY A 238 -11.43 6.65 -12.19
N GLY A 238 -12.34 6.65 -12.62
CA GLY A 238 -12.40 7.36 -11.35
CA GLY A 238 -12.86 7.39 -11.49
C GLY A 238 -13.01 6.43 -10.32
C GLY A 238 -13.26 6.44 -10.37
N GLN A 239 -13.52 7.06 -9.23
CA GLN A 239 -13.96 6.27 -8.07
C GLN A 239 -15.21 5.47 -8.37
N ASP A 240 -16.15 6.07 -9.11
CA ASP A 240 -17.39 5.38 -9.46
C ASP A 240 -17.07 4.04 -10.12
N GLU A 241 -16.30 4.09 -11.22
CA GLU A 241 -15.91 2.87 -11.91
C GLU A 241 -15.12 1.94 -11.00
N MET A 242 -14.21 2.51 -10.20
CA MET A 242 -13.40 1.66 -9.33
C MET A 242 -14.29 0.87 -8.37
N PHE A 243 -15.24 1.55 -7.71
CA PHE A 243 -16.16 0.89 -6.80
C PHE A 243 -17.02 -0.16 -7.53
N ARG A 244 -17.49 0.16 -8.73
CA ARG A 244 -18.30 -0.80 -9.48
C ARG A 244 -17.52 -2.09 -9.74
N VAL A 245 -16.26 -1.99 -10.14
CA VAL A 245 -15.45 -3.18 -10.36
C VAL A 245 -15.22 -3.92 -9.04
N LEU A 246 -14.93 -3.20 -7.97
CA LEU A 246 -14.75 -3.87 -6.69
C LEU A 246 -16.01 -4.63 -6.29
N ASP A 247 -17.17 -4.08 -6.60
CA ASP A 247 -18.44 -4.68 -6.19
C ASP A 247 -18.52 -6.16 -6.59
N PHE A 248 -18.12 -6.49 -7.82
CA PHE A 248 -18.18 -7.91 -8.22
C PHE A 248 -16.83 -8.61 -8.19
N SER A 249 -15.71 -7.88 -8.10
CA SER A 249 -14.40 -8.56 -8.16
C SER A 249 -13.98 -9.14 -6.82
N VAL A 250 -14.16 -8.41 -5.73
CA VAL A 250 -13.68 -8.89 -4.43
C VAL A 250 -14.40 -10.16 -4.03
N PRO A 251 -15.72 -10.30 -4.21
CA PRO A 251 -16.37 -11.56 -3.80
C PRO A 251 -15.86 -12.78 -4.54
N MET A 252 -15.18 -12.58 -5.68
CA MET A 252 -14.63 -13.71 -6.41
C MET A 252 -13.40 -14.32 -5.74
N LEU A 253 -12.69 -13.54 -4.93
CA LEU A 253 -11.46 -14.01 -4.31
C LEU A 253 -11.78 -14.87 -3.08
N PRO A 254 -10.86 -15.75 -2.70
CA PRO A 254 -11.07 -16.56 -1.50
C PRO A 254 -11.36 -15.70 -0.30
N ASP A 255 -12.40 -16.06 0.45
CA ASP A 255 -12.83 -15.25 1.58
C ASP A 255 -11.80 -15.27 2.71
N ASP A 256 -11.11 -16.40 2.91
CA ASP A 256 -10.30 -16.57 4.11
C ASP A 256 -8.87 -16.12 3.93
N LYS A 257 -8.57 -15.35 2.89
CA LYS A 257 -7.25 -14.79 2.63
C LYS A 257 -7.36 -13.25 2.54
N PRO A 258 -6.28 -12.52 2.82
CA PRO A 258 -6.39 -11.04 2.73
C PRO A 258 -6.58 -10.58 1.29
N HIS A 259 -7.26 -9.44 1.15
CA HIS A 259 -7.54 -8.80 -0.12
C HIS A 259 -6.84 -7.44 -0.15
N TYR A 260 -6.02 -7.21 -1.17
CA TYR A 260 -5.13 -6.05 -1.20
C TYR A 260 -5.44 -5.18 -2.42
N LEU A 261 -5.78 -3.93 -2.18
CA LEU A 261 -6.01 -2.96 -3.27
C LEU A 261 -4.78 -2.08 -3.42
N MET A 262 -3.98 -2.32 -4.46
CA MET A 262 -2.68 -1.68 -4.58
C MET A 262 -2.79 -0.23 -5.02
N GLY A 263 -2.01 0.64 -4.38
CA GLY A 263 -1.93 2.04 -4.78
C GLY A 263 -3.12 2.89 -4.45
N VAL A 264 -4.01 2.44 -3.56
CA VAL A 264 -5.17 3.21 -3.12
C VAL A 264 -4.99 3.54 -1.63
N GLY A 265 -5.18 4.81 -1.23
CA GLY A 265 -5.51 5.94 -2.08
C GLY A 265 -6.01 7.06 -1.19
N LYS A 266 -6.92 7.89 -1.70
CA LYS A 266 -7.51 8.94 -0.89
C LYS A 266 -8.32 8.34 0.25
N PRO A 267 -8.53 9.09 1.34
CA PRO A 267 -9.27 8.52 2.47
C PRO A 267 -10.64 7.97 2.09
N ASP A 268 -11.39 8.68 1.24
CA ASP A 268 -12.72 8.18 0.89
C ASP A 268 -12.63 6.95 -0.02
N ASP A 269 -11.56 6.85 -0.82
CA ASP A 269 -11.33 5.60 -1.57
C ASP A 269 -11.14 4.42 -0.62
N ILE A 270 -10.36 4.61 0.45
CA ILE A 270 -10.08 3.53 1.40
C ILE A 270 -11.36 3.08 2.08
N VAL A 271 -12.14 4.03 2.61
CA VAL A 271 -13.39 3.67 3.30
C VAL A 271 -14.29 2.85 2.39
N GLY A 272 -14.51 3.31 1.15
CA GLY A 272 -15.42 2.59 0.27
C GLY A 272 -14.87 1.24 -0.15
N ALA A 273 -13.56 1.13 -0.27
CA ALA A 273 -12.97 -0.16 -0.62
C ALA A 273 -13.08 -1.14 0.53
N VAL A 274 -12.98 -0.67 1.77
CA VAL A 274 -13.21 -1.58 2.90
C VAL A 274 -14.66 -2.03 2.93
N GLU A 275 -15.59 -1.13 2.61
CA GLU A 275 -17.00 -1.50 2.50
C GLU A 275 -17.21 -2.61 1.47
N ARG A 276 -16.24 -2.82 0.59
CA ARG A 276 -16.34 -3.81 -0.48
C ARG A 276 -15.40 -4.98 -0.27
N GLY A 277 -14.77 -5.07 0.90
CA GLY A 277 -14.05 -6.26 1.29
C GLY A 277 -12.55 -6.20 1.18
N ILE A 278 -11.95 -5.00 1.03
CA ILE A 278 -10.50 -4.85 0.94
C ILE A 278 -9.91 -4.78 2.35
N ASP A 279 -8.77 -5.44 2.54
CA ASP A 279 -8.09 -5.53 3.82
C ASP A 279 -6.78 -4.76 3.88
N MET A 280 -6.20 -4.38 2.74
CA MET A 280 -4.85 -3.82 2.70
C MET A 280 -4.75 -2.75 1.62
N PHE A 281 -3.96 -1.72 1.92
CA PHE A 281 -3.82 -0.53 1.10
C PHE A 281 -2.39 -0.04 1.15
N ASP A 282 -1.95 0.62 0.08
CA ASP A 282 -0.73 1.44 0.10
C ASP A 282 -0.93 2.66 -0.77
N SER A 283 -0.22 3.74 -0.45
CA SER A 283 -0.30 4.93 -1.26
C SER A 283 0.84 5.89 -0.91
N VAL A 284 1.40 6.56 -1.92
CA VAL A 284 2.33 7.64 -1.64
C VAL A 284 1.64 8.94 -1.26
N LEU A 285 0.32 8.99 -1.36
N LEU A 285 0.32 8.98 -1.31
CA LEU A 285 -0.39 10.26 -1.13
CA LEU A 285 -0.39 10.25 -1.15
C LEU A 285 0.00 10.97 0.15
C LEU A 285 -0.08 10.97 0.16
N PRO A 286 0.01 10.32 1.31
CA PRO A 286 0.30 11.09 2.54
C PRO A 286 1.66 11.75 2.48
N THR A 287 2.63 11.10 1.83
CA THR A 287 3.96 11.64 1.72
C THR A 287 4.02 12.74 0.67
N ARG A 288 3.47 12.46 -0.52
CA ARG A 288 3.44 13.48 -1.58
C ARG A 288 2.71 14.74 -1.09
N SER A 289 1.55 14.56 -0.46
CA SER A 289 0.81 15.71 0.04
C SER A 289 1.62 16.46 1.09
N GLY A 290 2.26 15.72 2.00
CA GLY A 290 3.03 16.37 3.04
C GLY A 290 4.14 17.24 2.48
N ARG A 291 4.87 16.75 1.47
CA ARG A 291 5.92 17.53 0.86
C ARG A 291 5.40 18.74 0.11
N ASN A 292 4.13 18.72 -0.30
CA ASN A 292 3.53 19.80 -1.07
C ASN A 292 2.64 20.71 -0.24
N GLY A 293 2.73 20.64 1.08
CA GLY A 293 1.98 21.57 1.90
C GLY A 293 0.52 21.26 2.10
N GLN A 294 0.10 20.02 1.88
CA GLN A 294 -1.30 19.62 2.01
C GLN A 294 -1.43 18.62 3.17
N ALA A 295 -2.38 18.88 4.05
CA ALA A 295 -2.66 18.02 5.19
C ALA A 295 -4.05 17.40 5.06
N PHE A 296 -4.15 16.11 5.37
CA PHE A 296 -5.44 15.44 5.49
C PHE A 296 -6.05 15.69 6.86
N THR A 297 -7.36 15.97 6.89
CA THR A 297 -8.09 16.16 8.12
C THR A 297 -9.46 15.49 7.97
N TRP A 298 -10.15 15.31 9.09
CA TRP A 298 -11.50 14.75 9.03
C TRP A 298 -12.46 15.66 8.28
N ASP A 299 -12.11 16.92 8.08
CA ASP A 299 -12.91 17.85 7.30
C ASP A 299 -12.36 18.04 5.88
N GLY A 300 -11.61 17.08 5.38
CA GLY A 300 -11.04 17.17 4.07
C GLY A 300 -9.63 17.72 4.06
N PRO A 301 -8.99 17.71 2.90
CA PRO A 301 -7.62 18.22 2.83
C PRO A 301 -7.61 19.74 2.96
N ILE A 302 -6.52 20.25 3.53
CA ILE A 302 -6.27 21.68 3.61
C ILE A 302 -4.91 21.99 3.03
N ASN A 303 -4.81 23.19 2.44
N ASN A 303 -4.79 23.19 2.44
CA ASN A 303 -3.55 23.73 1.92
CA ASN A 303 -3.51 23.66 1.91
C ASN A 303 -2.99 24.67 2.98
C ASN A 303 -2.93 24.67 2.90
N ILE A 304 -1.94 24.23 3.69
CA ILE A 304 -1.47 24.98 4.84
C ILE A 304 -0.84 26.32 4.46
N ARG A 305 -0.46 26.53 3.19
CA ARG A 305 0.07 27.83 2.77
C ARG A 305 -0.99 28.92 2.73
N ASN A 306 -2.26 28.54 2.76
CA ASN A 306 -3.32 29.54 2.67
C ASN A 306 -3.23 30.53 3.82
N ALA A 307 -3.43 31.81 3.48
CA ALA A 307 -3.27 32.88 4.45
C ALA A 307 -4.17 32.67 5.67
N ARG A 308 -5.31 32.02 5.49
N ARG A 308 -5.31 32.01 5.50
CA ARG A 308 -6.24 31.82 6.60
CA ARG A 308 -6.22 31.87 6.63
C ARG A 308 -5.59 31.07 7.76
C ARG A 308 -5.62 31.02 7.74
N PHE A 309 -4.49 30.36 7.52
CA PHE A 309 -3.86 29.57 8.56
C PHE A 309 -2.75 30.32 9.28
N SER A 310 -2.44 31.55 8.89
CA SER A 310 -1.25 32.20 9.43
C SER A 310 -1.40 32.54 10.91
N GLU A 311 -2.64 32.69 11.41
CA GLU A 311 -2.89 33.00 12.80
C GLU A 311 -3.78 31.96 13.46
N ASP A 312 -3.90 30.79 12.83
CA ASP A 312 -4.76 29.71 13.32
C ASP A 312 -3.99 28.88 14.34
N LEU A 313 -4.35 29.02 15.62
CA LEU A 313 -3.60 28.31 16.66
C LEU A 313 -4.06 26.87 16.87
N LYS A 314 -5.07 26.43 16.11
CA LYS A 314 -5.54 25.06 16.22
C LYS A 314 -4.56 24.10 15.54
N PRO A 315 -4.55 22.84 15.96
CA PRO A 315 -3.72 21.84 15.26
C PRO A 315 -4.23 21.62 13.84
N LEU A 316 -3.41 20.93 13.05
CA LEU A 316 -3.81 20.59 11.69
C LEU A 316 -5.21 20.00 11.66
N ASP A 317 -5.48 19.02 12.52
CA ASP A 317 -6.81 18.44 12.62
C ASP A 317 -7.24 18.44 14.08
N SER A 318 -8.54 18.72 14.28
CA SER A 318 -9.13 18.98 15.59
C SER A 318 -9.13 17.75 16.49
N GLU A 319 -9.04 16.56 15.91
CA GLU A 319 -9.18 15.34 16.69
C GLU A 319 -7.97 14.44 16.60
N CYS A 320 -7.09 14.66 15.63
CA CYS A 320 -5.94 13.80 15.40
C CYS A 320 -5.07 13.76 16.65
N HIS A 321 -4.67 12.55 17.07
CA HIS A 321 -3.79 12.48 18.23
C HIS A 321 -2.35 12.17 17.86
N CYS A 322 -1.96 12.50 16.64
CA CYS A 322 -0.57 12.30 16.29
C CYS A 322 0.33 13.28 17.07
N ALA A 323 1.62 12.93 17.09
CA ALA A 323 2.56 13.73 17.86
C ALA A 323 2.61 15.18 17.38
N VAL A 324 2.42 15.39 16.07
CA VAL A 324 2.44 16.75 15.54
C VAL A 324 1.27 17.55 16.08
N CYS A 325 0.07 16.95 16.08
CA CYS A 325 -1.12 17.70 16.51
C CYS A 325 -1.16 17.89 18.00
N GLN A 326 -0.43 17.09 18.76
N GLN A 326 -0.36 17.14 18.76
CA GLN A 326 -0.37 17.30 20.21
CA GLN A 326 -0.25 17.42 20.20
C GLN A 326 0.54 18.47 20.57
C GLN A 326 0.50 18.71 20.48
N LYS A 327 1.26 19.05 19.60
N LYS A 327 1.36 19.14 19.55
CA LYS A 327 2.13 20.18 19.88
CA LYS A 327 2.33 20.16 19.86
C LYS A 327 2.01 21.38 18.95
C LYS A 327 2.31 21.36 18.92
N TRP A 328 2.00 21.14 17.65
CA TRP A 328 2.18 22.19 16.66
C TRP A 328 0.85 22.72 16.15
N SER A 329 0.78 24.03 16.02
CA SER A 329 -0.37 24.72 15.48
C SER A 329 -0.27 24.83 13.96
N ARG A 330 -1.44 24.99 13.32
CA ARG A 330 -1.46 25.38 11.92
C ARG A 330 -0.59 26.60 11.66
N ALA A 331 -0.67 27.60 12.53
CA ALA A 331 0.08 28.83 12.32
C ALA A 331 1.58 28.56 12.20
N CYS A 332 2.12 27.73 13.08
CA CYS A 332 3.55 27.51 13.05
C CYS A 332 3.98 26.56 11.95
N ILE A 333 3.15 25.57 11.58
CA ILE A 333 3.47 24.74 10.42
C ILE A 333 3.39 25.58 9.15
N HIS A 334 2.38 26.47 9.05
CA HIS A 334 2.33 27.46 7.98
C HIS A 334 3.62 28.28 7.88
N ALA A 335 4.10 28.79 9.03
CA ALA A 335 5.35 29.55 9.04
C ALA A 335 6.51 28.74 8.47
N LEU A 336 6.63 27.49 8.91
CA LEU A 336 7.76 26.67 8.48
C LEU A 336 7.70 26.38 6.99
N ILE A 337 6.53 26.00 6.49
CA ILE A 337 6.35 25.71 5.06
C ILE A 337 6.63 26.95 4.22
N ARG A 338 6.10 28.10 4.64
CA ARG A 338 6.33 29.34 3.88
C ARG A 338 7.79 29.73 3.86
N ALA A 339 8.52 29.36 4.89
CA ALA A 339 9.96 29.59 4.93
C ALA A 339 10.77 28.55 4.17
N GLY A 340 10.13 27.52 3.64
CA GLY A 340 10.88 26.46 3.00
C GLY A 340 11.70 25.59 3.92
N GLU A 341 11.36 25.57 5.21
CA GLU A 341 12.12 24.81 6.19
C GLU A 341 11.71 23.34 6.12
N ILE A 342 12.70 22.45 5.99
CA ILE A 342 12.40 21.03 5.82
C ILE A 342 11.56 20.49 6.99
N LEU A 343 11.71 21.06 8.20
CA LEU A 343 10.90 20.62 9.33
C LEU A 343 9.40 20.70 9.01
N GLY A 344 9.00 21.73 8.27
CA GLY A 344 7.59 21.88 7.94
C GLY A 344 7.06 20.69 7.17
N ALA A 345 7.78 20.27 6.13
CA ALA A 345 7.38 19.11 5.34
C ALA A 345 7.42 17.83 6.17
N MET A 346 8.42 17.71 7.04
N MET A 346 8.40 17.71 7.06
CA MET A 346 8.53 16.54 7.90
CA MET A 346 8.48 16.49 7.86
C MET A 346 7.33 16.42 8.82
C MET A 346 7.33 16.40 8.84
N LEU A 347 6.92 17.54 9.42
CA LEU A 347 5.78 17.53 10.33
C LEU A 347 4.49 17.21 9.57
N MET A 348 4.29 17.83 8.40
N MET A 348 4.30 17.77 8.38
CA MET A 348 3.11 17.53 7.60
CA MET A 348 3.07 17.50 7.66
C MET A 348 3.05 16.04 7.26
C MET A 348 3.02 16.06 7.14
N THR A 349 4.18 15.49 6.83
CA THR A 349 4.24 14.10 6.40
C THR A 349 3.96 13.16 7.58
N GLU A 350 4.59 13.41 8.72
CA GLU A 350 4.29 12.60 9.90
C GLU A 350 2.80 12.66 10.24
N HIS A 351 2.23 13.86 10.23
CA HIS A 351 0.81 13.97 10.54
C HIS A 351 -0.04 13.20 9.52
N ASN A 352 0.28 13.34 8.23
CA ASN A 352 -0.53 12.68 7.22
C ASN A 352 -0.49 11.16 7.36
N ILE A 353 0.69 10.60 7.63
CA ILE A 353 0.79 9.15 7.76
C ILE A 353 0.05 8.70 9.01
N ALA A 354 0.18 9.47 10.09
CA ALA A 354 -0.51 9.16 11.34
C ALA A 354 -2.02 9.28 11.18
N PHE A 355 -2.49 10.31 10.45
CA PHE A 355 -3.91 10.45 10.18
C PHE A 355 -4.45 9.22 9.44
N TYR A 356 -3.71 8.76 8.41
CA TYR A 356 -4.08 7.53 7.73
C TYR A 356 -4.17 6.34 8.69
N GLN A 357 -3.22 6.22 9.62
CA GLN A 357 -3.28 5.11 10.58
C GLN A 357 -4.49 5.26 11.51
N GLN A 358 -4.82 6.50 11.89
CA GLN A 358 -5.97 6.71 12.76
C GLN A 358 -7.27 6.44 12.02
N LEU A 359 -7.30 6.75 10.73
CA LEU A 359 -8.43 6.32 9.91
C LEU A 359 -8.56 4.80 9.93
N MET A 360 -7.45 4.09 9.76
CA MET A 360 -7.56 2.62 9.74
C MET A 360 -8.03 2.11 11.10
N GLN A 361 -7.54 2.72 12.18
CA GLN A 361 -7.96 2.28 13.50
C GLN A 361 -9.45 2.51 13.71
N LYS A 362 -9.97 3.65 13.24
CA LYS A 362 -11.41 3.89 13.37
C LYS A 362 -12.21 2.90 12.53
N ILE A 363 -11.68 2.56 11.36
CA ILE A 363 -12.32 1.52 10.55
C ILE A 363 -12.34 0.20 11.31
N ARG A 364 -11.19 -0.21 11.85
CA ARG A 364 -11.12 -1.48 12.57
C ARG A 364 -12.07 -1.50 13.76
N ASP A 365 -12.04 -0.43 14.56
CA ASP A 365 -12.88 -0.34 15.74
C ASP A 365 -14.35 -0.39 15.36
N SER A 366 -14.74 0.33 14.31
CA SER A 366 -16.16 0.37 13.98
C SER A 366 -16.66 -0.97 13.43
N ILE A 367 -15.83 -1.69 12.66
CA ILE A 367 -16.22 -3.02 12.23
C ILE A 367 -16.40 -3.95 13.43
N SER A 368 -15.44 -3.91 14.37
N SER A 368 -15.45 -3.88 14.38
CA SER A 368 -15.54 -4.76 15.55
CA SER A 368 -15.50 -4.73 15.57
C SER A 368 -16.84 -4.50 16.30
C SER A 368 -16.79 -4.50 16.34
N GLU A 369 -17.22 -3.24 16.42
CA GLU A 369 -18.42 -2.85 17.14
C GLU A 369 -19.68 -2.94 16.29
N GLY A 370 -19.57 -3.31 15.02
CA GLY A 370 -20.75 -3.43 14.18
C GLY A 370 -21.40 -2.12 13.80
N ARG A 371 -20.59 -1.05 13.71
CA ARG A 371 -21.09 0.27 13.35
C ARG A 371 -20.25 0.90 12.25
N PHE A 372 -19.66 0.06 11.39
CA PHE A 372 -18.80 0.58 10.33
C PHE A 372 -19.62 1.23 9.21
N SER A 373 -20.76 0.64 8.86
CA SER A 373 -21.59 1.27 7.83
C SER A 373 -21.97 2.68 8.26
N GLN A 374 -22.28 2.88 9.54
CA GLN A 374 -22.63 4.23 9.97
C GLN A 374 -21.39 5.14 10.00
N PHE A 375 -20.25 4.59 10.42
CA PHE A 375 -19.02 5.38 10.37
C PHE A 375 -18.74 5.87 8.95
N ALA A 376 -18.92 4.99 7.97
CA ALA A 376 -18.61 5.39 6.60
C ALA A 376 -19.51 6.53 6.17
N GLN A 377 -20.80 6.46 6.54
CA GLN A 377 -21.73 7.55 6.20
C GLN A 377 -21.32 8.84 6.91
N ASP A 378 -21.08 8.77 8.23
CA ASP A 378 -20.64 9.94 8.97
C ASP A 378 -19.34 10.50 8.40
N PHE A 379 -18.42 9.60 8.05
CA PHE A 379 -17.13 10.04 7.52
C PHE A 379 -17.31 10.84 6.24
N ARG A 380 -18.11 10.33 5.29
CA ARG A 380 -18.25 11.02 4.02
C ARG A 380 -18.93 12.37 4.19
N ALA A 381 -20.01 12.43 4.97
CA ALA A 381 -20.70 13.69 5.16
C ALA A 381 -19.76 14.77 5.65
N ARG A 382 -18.93 14.44 6.63
CA ARG A 382 -18.02 15.43 7.18
C ARG A 382 -16.83 15.71 6.26
N TYR A 383 -16.26 14.66 5.65
CA TYR A 383 -15.07 14.86 4.82
C TYR A 383 -15.39 15.74 3.62
N PHE A 384 -16.58 15.57 3.06
CA PHE A 384 -16.95 16.30 1.86
C PHE A 384 -17.61 17.63 2.16
N ALA A 385 -18.06 17.85 3.40
CA ALA A 385 -18.58 19.16 3.76
C ALA A 385 -17.44 20.19 3.83
N ARG A 386 -16.25 19.74 4.23
CA ARG A 386 -15.05 20.58 4.21
C ARG A 386 -15.17 21.79 5.15
N ASN A 387 -15.77 21.58 6.32
N ASN A 387 -15.77 21.58 6.32
CA ASN A 387 -15.82 22.63 7.33
CA ASN A 387 -15.83 22.62 7.34
C ASN A 387 -14.55 22.55 8.19
C ASN A 387 -14.55 22.55 8.19
N SER A 388 -13.45 22.94 7.56
CA SER A 388 -12.13 22.85 8.19
C SER A 388 -11.75 24.13 8.94
ZN ZN B . -2.03 15.02 13.41
C1 GOL C . 1.20 0.57 17.28
O1 GOL C . 0.30 1.54 16.79
C2 GOL C . 2.24 1.27 18.24
O2 GOL C . 1.63 2.06 19.19
C3 GOL C . 3.18 2.10 17.35
O3 GOL C . 4.08 2.83 18.26
C1 GOL D . 9.56 -0.86 13.89
O1 GOL D . 10.03 -1.72 12.91
C2 GOL D . 10.78 -0.07 14.46
O2 GOL D . 10.46 0.63 15.68
C3 GOL D . 11.20 0.94 13.36
O3 GOL D . 12.48 1.41 13.79
C1 GOL E . 20.81 -1.70 11.87
O1 GOL E . 20.94 -2.59 10.77
C2 GOL E . 19.62 -0.76 11.51
O2 GOL E . 19.76 -0.24 10.23
C3 GOL E . 19.66 0.36 12.58
O3 GOL E . 20.89 1.03 12.41
C QZT F . 11.52 5.28 6.93
O QZT F . 10.99 5.48 4.33
C1 QZT F . 10.79 3.93 6.99
C2 QZT F . 11.81 2.94 6.54
C3 QZT F . 12.47 3.49 5.28
S QZT F . 12.16 5.26 5.23
#